data_7JYD
#
_entry.id   7JYD
#
_cell.length_a   88.370
_cell.length_b   88.370
_cell.length_c   105.674
_cell.angle_alpha   90.000
_cell.angle_beta   90.000
_cell.angle_gamma   120.000
#
_symmetry.space_group_name_H-M   'P 32 2 1'
#
loop_
_entity.id
_entity.type
_entity.pdbx_description
1 polymer 'Nuclear receptor subfamily 5 group A member 2'
2 polymer 'Nuclear receptor coactivator 2'
3 non-polymer '10-[(3aR,6R,6aR)-6-hydroxy-3-phenyl-3a-(1-phenylethenyl)-1,3a,4,5,6,6a-hexahydropentalen-2-yl]decanoic acid'
4 water water
#
loop_
_entity_poly.entity_id
_entity_poly.type
_entity_poly.pdbx_seq_one_letter_code
_entity_poly.pdbx_strand_id
1 'polypeptide(L)'
;SNAASIPHLILELLKCEPDEPQVQAKIMAYLQQEQANRSKHEKLSTFGLMCKMADQTLFSIVEWARSSIFFRELKVDDQM
KLLQNCWSELLILDHIYRQVVHGKEGSIFLVTGQQVDYSIIASQAGATLNNLMSHAQELVAKLRSLQFDQREFVCLKFLV
LFSLDVKNLENFQLVEGVQEQVNAALLDYTMCNYPQQTEKFGQLLLRLPEIRAISMQAEEYLYYKHLNGDVPYNNLLIEM
LHAKRA
;
A
2 'polypeptide(L)' KENALLRYLLDK C
#
# COMPACT_ATOMS: atom_id res chain seq x y z
N ALA A 4 11.18 11.70 21.22
CA ALA A 4 9.92 10.98 21.03
C ALA A 4 9.82 9.77 21.96
N SER A 5 8.66 9.62 22.62
CA SER A 5 8.37 8.47 23.46
C SER A 5 7.52 7.49 22.67
N ILE A 6 8.08 6.33 22.35
CA ILE A 6 7.50 5.39 21.41
C ILE A 6 7.12 4.11 22.16
N PRO A 7 5.84 3.74 22.20
CA PRO A 7 5.47 2.44 22.79
C PRO A 7 6.33 1.33 22.22
N HIS A 8 6.65 0.36 23.08
CA HIS A 8 7.53 -0.74 22.67
C HIS A 8 7.00 -1.48 21.46
N LEU A 9 5.68 -1.69 21.40
CA LEU A 9 5.09 -2.39 20.27
C LEU A 9 5.42 -1.69 18.95
N ILE A 10 5.30 -0.36 18.92
CA ILE A 10 5.54 0.38 17.69
C ILE A 10 6.99 0.21 17.23
N LEU A 11 7.92 0.14 18.19
CA LEU A 11 9.32 -0.10 17.84
C LEU A 11 9.47 -1.44 17.15
N GLU A 12 8.77 -2.47 17.63
CA GLU A 12 8.81 -3.77 16.97
C GLU A 12 8.17 -3.71 15.59
N LEU A 13 7.08 -2.95 15.43
CA LEU A 13 6.47 -2.81 14.12
C LEU A 13 7.44 -2.18 13.13
N LEU A 14 8.22 -1.19 13.59
CA LEU A 14 9.13 -0.50 12.69
C LEU A 14 10.24 -1.41 12.20
N LYS A 15 10.64 -2.40 13.00
CA LYS A 15 11.69 -3.31 12.57
C LYS A 15 11.29 -4.10 11.33
N CYS A 16 10.00 -4.16 11.01
CA CYS A 16 9.50 -4.89 9.85
C CYS A 16 9.55 -4.09 8.56
N GLU A 17 9.84 -2.79 8.63
CA GLU A 17 9.84 -1.96 7.43
C GLU A 17 10.98 -2.36 6.50
N PRO A 18 10.74 -2.40 5.18
CA PRO A 18 11.82 -2.72 4.26
C PRO A 18 12.80 -1.57 4.11
N ASP A 19 13.94 -1.88 3.51
CA ASP A 19 14.95 -0.86 3.20
C ASP A 19 14.49 -0.12 1.95
N GLU A 20 13.79 0.99 2.16
CA GLU A 20 13.23 1.76 1.06
C GLU A 20 14.24 2.10 -0.02
N PRO A 21 15.43 2.61 0.29
CA PRO A 21 16.40 2.91 -0.79
C PRO A 21 16.74 1.70 -1.65
N GLN A 22 16.85 0.51 -1.04
CA GLN A 22 17.15 -0.68 -1.81
C GLN A 22 15.93 -1.15 -2.61
N VAL A 23 14.75 -1.08 -2.02
CA VAL A 23 13.54 -1.44 -2.75
C VAL A 23 13.36 -0.52 -3.96
N GLN A 24 13.62 0.77 -3.77
CA GLN A 24 13.47 1.73 -4.86
C GLN A 24 14.42 1.40 -6.01
N ALA A 25 15.67 1.08 -5.69
CA ALA A 25 16.64 0.78 -6.74
C ALA A 25 16.27 -0.49 -7.49
N LYS A 26 15.87 -1.54 -6.76
CA LYS A 26 15.59 -2.81 -7.42
C LYS A 26 14.42 -2.71 -8.39
N ILE A 27 13.40 -1.91 -8.05
CA ILE A 27 12.26 -1.77 -8.93
C ILE A 27 12.60 -0.90 -10.14
N MET A 28 13.47 0.10 -9.93
CA MET A 28 13.91 0.93 -11.04
C MET A 28 14.70 0.12 -12.06
N ALA A 29 15.59 -0.76 -11.59
CA ALA A 29 16.35 -1.60 -12.52
C ALA A 29 15.43 -2.56 -13.26
N TYR A 30 14.41 -3.08 -12.58
CA TYR A 30 13.47 -4.00 -13.23
C TYR A 30 12.70 -3.31 -14.34
N LEU A 31 12.21 -2.10 -14.09
CA LEU A 31 11.45 -1.37 -15.11
C LEU A 31 12.35 -0.92 -16.25
N GLN A 32 13.61 -0.62 -15.98
CA GLN A 32 14.52 -0.25 -17.05
C GLN A 32 14.89 -1.46 -17.91
N GLN A 33 15.08 -2.62 -17.29
CA GLN A 33 15.34 -3.84 -18.06
C GLN A 33 14.13 -4.26 -18.87
N GLU A 34 12.92 -3.90 -18.40
CA GLU A 34 11.71 -4.24 -19.14
C GLU A 34 11.63 -3.45 -20.44
N GLN A 35 11.75 -2.12 -20.36
CA GLN A 35 11.68 -1.29 -21.56
C GLN A 35 12.85 -1.58 -22.49
N ALA A 36 14.03 -1.83 -21.93
CA ALA A 36 15.22 -2.09 -22.74
C ALA A 36 15.18 -3.45 -23.42
N ASN A 37 14.29 -4.35 -23.01
CA ASN A 37 14.18 -5.68 -23.59
C ASN A 37 13.09 -5.77 -24.66
N ARG A 38 12.65 -4.63 -25.19
CA ARG A 38 11.68 -4.59 -26.27
C ARG A 38 12.01 -3.42 -27.18
N SER A 39 11.48 -3.48 -28.41
CA SER A 39 11.86 -2.54 -29.45
C SER A 39 11.00 -1.27 -29.37
N LYS A 40 11.07 -0.44 -30.43
CA LYS A 40 10.40 0.85 -30.42
C LYS A 40 8.89 0.74 -30.60
N HIS A 41 8.41 -0.34 -31.23
CA HIS A 41 6.98 -0.49 -31.50
C HIS A 41 6.20 -1.07 -30.33
N GLU A 42 6.84 -1.85 -29.47
CA GLU A 42 6.16 -2.53 -28.37
C GLU A 42 6.55 -1.99 -26.99
N LYS A 43 7.08 -0.77 -26.94
CA LYS A 43 7.44 -0.17 -25.67
C LYS A 43 6.22 -0.09 -24.75
N LEU A 44 6.42 -0.39 -23.47
CA LEU A 44 5.32 -0.37 -22.52
C LEU A 44 4.72 1.03 -22.44
N SER A 45 3.40 1.09 -22.50
CA SER A 45 2.71 2.35 -22.30
C SER A 45 2.82 2.78 -20.84
N THR A 46 2.54 4.06 -20.60
CA THR A 46 2.55 4.58 -19.23
C THR A 46 1.68 3.74 -18.32
N PHE A 47 0.50 3.34 -18.80
CA PHE A 47 -0.36 2.47 -18.01
C PHE A 47 0.31 1.12 -17.76
N GLY A 48 0.93 0.56 -18.80
CA GLY A 48 1.63 -0.70 -18.62
C GLY A 48 2.77 -0.62 -17.63
N LEU A 49 3.49 0.50 -17.63
CA LEU A 49 4.55 0.69 -16.66
C LEU A 49 3.99 0.77 -15.24
N MET A 50 2.89 1.49 -15.06
CA MET A 50 2.30 1.59 -13.73
C MET A 50 1.85 0.22 -13.22
N CYS A 51 1.33 -0.62 -14.13
CA CYS A 51 0.97 -1.97 -13.74
C CYS A 51 2.19 -2.77 -13.31
N LYS A 52 3.28 -2.68 -14.08
CA LYS A 52 4.52 -3.35 -13.67
C LYS A 52 5.02 -2.80 -12.35
N MET A 53 4.87 -1.50 -12.13
CA MET A 53 5.31 -0.88 -10.90
C MET A 53 4.51 -1.38 -9.70
N ALA A 54 3.17 -1.33 -9.81
CA ALA A 54 2.33 -1.85 -8.75
C ALA A 54 2.60 -3.32 -8.50
N ASP A 55 2.77 -4.09 -9.58
CA ASP A 55 3.06 -5.53 -9.43
C ASP A 55 4.29 -5.74 -8.56
N GLN A 56 5.37 -4.99 -8.85
CA GLN A 56 6.60 -5.14 -8.08
C GLN A 56 6.40 -4.67 -6.64
N THR A 57 5.63 -3.60 -6.45
CA THR A 57 5.32 -3.14 -5.10
C THR A 57 4.60 -4.23 -4.31
N LEU A 58 3.73 -5.00 -4.99
CA LEU A 58 3.00 -6.06 -4.29
C LEU A 58 3.95 -7.13 -3.75
N PHE A 59 4.98 -7.48 -4.52
CA PHE A 59 5.99 -8.40 -4.01
C PHE A 59 6.61 -7.85 -2.73
N SER A 60 6.93 -6.56 -2.71
CA SER A 60 7.48 -5.95 -1.50
C SER A 60 6.47 -5.99 -0.36
N ILE A 61 5.20 -5.77 -0.66
CA ILE A 61 4.18 -5.82 0.38
C ILE A 61 4.08 -7.22 0.96
N VAL A 62 4.04 -8.23 0.09
CA VAL A 62 3.95 -9.61 0.56
C VAL A 62 5.15 -9.97 1.43
N GLU A 63 6.34 -9.53 1.04
CA GLU A 63 7.52 -9.84 1.83
C GLU A 63 7.53 -9.06 3.14
N TRP A 64 6.90 -7.88 3.16
CA TRP A 64 6.77 -7.15 4.42
C TRP A 64 5.83 -7.86 5.38
N ALA A 65 4.66 -8.28 4.90
CA ALA A 65 3.73 -9.03 5.74
C ALA A 65 4.40 -10.26 6.33
N ARG A 66 4.97 -11.10 5.48
CA ARG A 66 5.58 -12.34 5.95
C ARG A 66 6.78 -12.10 6.85
N SER A 67 7.27 -10.85 6.95
CA SER A 67 8.32 -10.53 7.90
C SER A 67 7.78 -10.17 9.29
N SER A 68 6.49 -9.82 9.39
CA SER A 68 5.90 -9.57 10.71
C SER A 68 5.64 -10.87 11.44
N ILE A 69 6.02 -10.90 12.72
CA ILE A 69 5.85 -12.13 13.50
C ILE A 69 4.36 -12.47 13.64
N PHE A 70 3.52 -11.47 13.96
CA PHE A 70 2.09 -11.72 14.09
C PHE A 70 1.53 -12.40 12.84
N PHE A 71 1.81 -11.82 11.68
CA PHE A 71 1.38 -12.45 10.43
C PHE A 71 1.92 -13.87 10.32
N ARG A 72 3.17 -14.08 10.73
CA ARG A 72 3.78 -15.40 10.57
C ARG A 72 3.13 -16.45 11.46
N GLU A 73 2.55 -16.06 12.60
CA GLU A 73 1.91 -17.05 13.46
C GLU A 73 0.65 -17.64 12.81
N LEU A 74 0.09 -16.98 11.82
CA LEU A 74 -1.06 -17.49 11.09
C LEU A 74 -0.63 -18.53 10.07
N LYS A 75 -1.51 -19.49 9.81
CA LYS A 75 -1.27 -20.43 8.74
C LYS A 75 -1.52 -19.77 7.38
N VAL A 76 -1.01 -20.41 6.32
CA VAL A 76 -0.99 -19.79 5.00
C VAL A 76 -2.40 -19.42 4.55
N ASP A 77 -3.37 -20.30 4.80
CA ASP A 77 -4.76 -19.98 4.45
C ASP A 77 -5.17 -18.64 5.06
N ASP A 78 -4.87 -18.42 6.34
CA ASP A 78 -5.22 -17.17 7.00
C ASP A 78 -4.46 -15.99 6.39
N GLN A 79 -3.16 -16.17 6.16
CA GLN A 79 -2.37 -15.11 5.54
C GLN A 79 -2.95 -14.71 4.19
N MET A 80 -3.27 -15.71 3.36
CA MET A 80 -3.84 -15.41 2.04
C MET A 80 -5.12 -14.61 2.17
N LYS A 81 -5.99 -14.97 3.11
CA LYS A 81 -7.26 -14.26 3.25
C LYS A 81 -7.06 -12.81 3.65
N LEU A 82 -6.12 -12.54 4.57
CA LEU A 82 -5.85 -11.17 4.97
C LEU A 82 -5.27 -10.37 3.81
N LEU A 83 -4.29 -10.93 3.10
CA LEU A 83 -3.64 -10.20 2.03
C LEU A 83 -4.59 -9.96 0.87
N GLN A 84 -5.43 -10.96 0.55
CA GLN A 84 -6.41 -10.78 -0.53
C GLN A 84 -7.40 -9.67 -0.20
N ASN A 85 -7.73 -9.48 1.07
CA ASN A 85 -8.71 -8.46 1.43
C ASN A 85 -8.16 -7.04 1.38
N CYS A 86 -6.84 -6.86 1.48
CA CYS A 86 -6.30 -5.52 1.70
C CYS A 86 -5.15 -5.14 0.77
N TRP A 87 -4.72 -6.01 -0.14
CA TRP A 87 -3.53 -5.71 -0.94
C TRP A 87 -3.65 -4.36 -1.62
N SER A 88 -4.82 -4.04 -2.19
CA SER A 88 -4.95 -2.77 -2.89
C SER A 88 -4.96 -1.59 -1.92
N GLU A 89 -5.61 -1.75 -0.76
CA GLU A 89 -5.58 -0.69 0.23
C GLU A 89 -4.15 -0.41 0.69
N LEU A 90 -3.35 -1.46 0.87
CA LEU A 90 -1.95 -1.27 1.23
C LEU A 90 -1.19 -0.54 0.12
N LEU A 91 -1.49 -0.87 -1.14
CA LEU A 91 -0.84 -0.20 -2.26
C LEU A 91 -1.14 1.30 -2.25
N ILE A 92 -2.41 1.67 -2.03
CA ILE A 92 -2.80 3.07 -2.05
C ILE A 92 -2.24 3.79 -0.82
N LEU A 93 -2.36 3.18 0.35
CA LEU A 93 -1.79 3.78 1.56
C LEU A 93 -0.29 4.01 1.39
N ASP A 94 0.41 3.05 0.80
CA ASP A 94 1.85 3.22 0.58
C ASP A 94 2.12 4.41 -0.35
N HIS A 95 1.37 4.49 -1.46
CA HIS A 95 1.51 5.61 -2.38
C HIS A 95 1.25 6.94 -1.68
N ILE A 96 0.19 6.99 -0.87
CA ILE A 96 -0.18 8.23 -0.18
C ILE A 96 0.93 8.66 0.77
N TYR A 97 1.45 7.72 1.57
CA TYR A 97 2.54 8.06 2.49
C TYR A 97 3.77 8.53 1.72
N ARG A 98 4.05 7.92 0.58
CA ARG A 98 5.19 8.35 -0.22
C ARG A 98 5.05 9.81 -0.64
N GLN A 99 3.83 10.25 -0.96
CA GLN A 99 3.64 11.66 -1.30
C GLN A 99 3.79 12.54 -0.07
N VAL A 100 3.37 12.06 1.10
CA VAL A 100 3.50 12.85 2.32
C VAL A 100 4.96 13.12 2.61
N VAL A 101 5.82 12.10 2.47
CA VAL A 101 7.23 12.21 2.81
C VAL A 101 7.99 12.91 1.69
N HIS A 102 8.22 12.19 0.58
CA HIS A 102 9.02 12.69 -0.53
C HIS A 102 8.23 13.51 -1.53
N GLY A 103 7.06 14.01 -1.13
CA GLY A 103 6.14 14.63 -2.07
C GLY A 103 6.23 16.15 -2.09
N LYS A 104 6.02 16.71 -3.27
CA LYS A 104 5.84 18.14 -3.48
C LYS A 104 4.49 18.35 -4.15
N GLU A 105 3.78 19.40 -3.73
CA GLU A 105 2.51 19.70 -4.36
C GLU A 105 2.70 19.96 -5.84
N GLY A 106 1.82 19.38 -6.66
CA GLY A 106 1.94 19.45 -8.09
C GLY A 106 2.77 18.35 -8.72
N SER A 107 3.41 17.50 -7.91
CA SER A 107 4.23 16.41 -8.42
C SER A 107 3.72 15.08 -7.90
N ILE A 108 4.20 14.00 -8.50
CA ILE A 108 3.90 12.63 -8.08
C ILE A 108 5.21 11.89 -7.90
N PHE A 109 5.42 11.33 -6.72
CA PHE A 109 6.61 10.55 -6.40
C PHE A 109 6.27 9.07 -6.48
N LEU A 110 7.01 8.34 -7.32
CA LEU A 110 6.75 6.94 -7.59
C LEU A 110 7.68 6.04 -6.77
N VAL A 111 7.28 4.78 -6.65
CA VAL A 111 8.05 3.81 -5.86
C VAL A 111 9.47 3.66 -6.39
N THR A 112 9.71 3.99 -7.66
CA THR A 112 11.04 3.93 -8.25
C THR A 112 11.90 5.13 -7.88
N GLY A 113 11.39 6.05 -7.07
CA GLY A 113 12.09 7.27 -6.76
C GLY A 113 11.94 8.37 -7.79
N GLN A 114 11.33 8.08 -8.94
CA GLN A 114 11.14 9.10 -9.96
C GLN A 114 10.09 10.12 -9.52
N GLN A 115 10.39 11.40 -9.69
CA GLN A 115 9.43 12.46 -9.46
C GLN A 115 8.84 12.86 -10.80
N VAL A 116 7.51 12.86 -10.88
CA VAL A 116 6.80 13.13 -12.13
C VAL A 116 5.83 14.28 -11.91
N ASP A 117 5.63 15.08 -12.96
CA ASP A 117 4.67 16.18 -12.89
C ASP A 117 3.26 15.62 -12.88
N TYR A 118 2.41 16.17 -12.01
CA TYR A 118 1.07 15.63 -11.84
C TYR A 118 0.25 15.76 -13.11
N SER A 119 0.24 16.95 -13.72
CA SER A 119 -0.58 17.18 -14.90
C SER A 119 -0.17 16.28 -16.06
N ILE A 120 1.10 15.91 -16.15
CA ILE A 120 1.56 15.03 -17.21
C ILE A 120 0.92 13.65 -17.06
N ILE A 121 1.08 13.04 -15.88
CA ILE A 121 0.48 11.74 -15.63
C ILE A 121 -1.04 11.82 -15.70
N ALA A 122 -1.63 12.84 -15.07
CA ALA A 122 -3.08 12.94 -15.02
C ALA A 122 -3.68 12.99 -16.43
N SER A 123 -3.05 13.72 -17.34
CA SER A 123 -3.59 13.83 -18.69
C SER A 123 -3.59 12.51 -19.44
N GLN A 124 -2.86 11.51 -18.95
CA GLN A 124 -2.80 10.20 -19.58
C GLN A 124 -3.79 9.22 -18.98
N ALA A 125 -4.60 9.65 -18.02
CA ALA A 125 -5.56 8.82 -17.33
C ALA A 125 -6.98 9.20 -17.75
N GLY A 126 -7.88 8.23 -17.64
CA GLY A 126 -9.29 8.46 -17.90
C GLY A 126 -9.95 9.18 -16.74
N ALA A 127 -11.28 9.23 -16.80
CA ALA A 127 -12.03 9.94 -15.77
C ALA A 127 -11.93 9.23 -14.43
N THR A 128 -11.99 7.89 -14.43
CA THR A 128 -12.01 7.17 -13.16
C THR A 128 -10.70 7.35 -12.40
N LEU A 129 -9.57 7.06 -13.05
CA LEU A 129 -8.29 7.16 -12.35
C LEU A 129 -7.96 8.62 -12.00
N ASN A 130 -8.36 9.56 -12.84
CA ASN A 130 -8.19 10.98 -12.50
C ASN A 130 -8.91 11.32 -11.21
N ASN A 131 -10.17 10.88 -11.07
CA ASN A 131 -10.90 11.12 -9.84
C ASN A 131 -10.22 10.44 -8.66
N LEU A 132 -9.75 9.20 -8.84
CA LEU A 132 -9.11 8.50 -7.73
C LEU A 132 -7.80 9.16 -7.35
N MET A 133 -7.01 9.56 -8.34
CA MET A 133 -5.73 10.21 -8.07
C MET A 133 -5.92 11.55 -7.37
N SER A 134 -6.93 12.31 -7.80
CA SER A 134 -7.21 13.59 -7.17
C SER A 134 -7.69 13.41 -5.74
N HIS A 135 -8.54 12.40 -5.49
CA HIS A 135 -8.97 12.13 -4.13
C HIS A 135 -7.79 11.73 -3.25
N ALA A 136 -6.88 10.90 -3.78
CA ALA A 136 -5.67 10.56 -3.02
C ALA A 136 -4.88 11.81 -2.66
N GLN A 137 -4.71 12.73 -3.61
CA GLN A 137 -3.94 13.94 -3.33
C GLN A 137 -4.57 14.75 -2.21
N GLU A 138 -5.90 14.81 -2.17
CA GLU A 138 -6.57 15.50 -1.08
C GLU A 138 -6.25 14.85 0.26
N LEU A 139 -6.15 13.52 0.29
CA LEU A 139 -5.76 12.83 1.52
C LEU A 139 -4.31 13.12 1.87
N VAL A 140 -3.44 13.21 0.86
CA VAL A 140 -2.05 13.57 1.10
C VAL A 140 -1.97 14.92 1.82
N ALA A 141 -2.73 15.91 1.32
CA ALA A 141 -2.70 17.23 1.94
C ALA A 141 -3.20 17.18 3.38
N LYS A 142 -4.33 16.48 3.61
CA LYS A 142 -4.86 16.39 4.97
C LYS A 142 -3.86 15.72 5.91
N LEU A 143 -3.16 14.68 5.43
CA LEU A 143 -2.25 13.95 6.31
C LEU A 143 -0.98 14.75 6.59
N ARG A 144 -0.51 15.51 5.61
CA ARG A 144 0.68 16.33 5.83
C ARG A 144 0.39 17.41 6.86
N SER A 145 -0.80 18.01 6.82
CA SER A 145 -1.14 19.03 7.80
C SER A 145 -1.25 18.45 9.20
N LEU A 146 -1.57 17.16 9.32
CA LEU A 146 -1.63 16.46 10.60
C LEU A 146 -0.26 15.99 11.08
N GLN A 147 0.79 16.21 10.30
CA GLN A 147 2.13 15.72 10.65
C GLN A 147 2.16 14.20 10.74
N PHE A 148 1.39 13.53 9.89
CA PHE A 148 1.48 12.08 9.73
C PHE A 148 2.94 11.66 9.60
N ASP A 149 3.39 10.78 10.50
CA ASP A 149 4.80 10.36 10.48
C ASP A 149 4.91 8.84 10.30
N GLN A 150 6.17 8.37 10.24
CA GLN A 150 6.41 6.97 9.92
C GLN A 150 5.89 6.03 11.00
N ARG A 151 5.94 6.45 12.27
CA ARG A 151 5.40 5.61 13.33
C ARG A 151 3.91 5.37 13.13
N GLU A 152 3.16 6.43 12.84
CA GLU A 152 1.73 6.29 12.60
C GLU A 152 1.46 5.50 11.32
N PHE A 153 2.27 5.73 10.28
CA PHE A 153 2.11 5.00 9.03
C PHE A 153 2.20 3.49 9.26
N VAL A 154 3.23 3.03 9.95
N VAL A 154 3.25 3.04 9.94
CA VAL A 154 3.37 1.59 10.19
CA VAL A 154 3.38 1.60 10.20
C VAL A 154 2.17 1.07 10.98
C VAL A 154 2.18 1.08 10.97
N CYS A 155 1.66 1.87 11.92
CA CYS A 155 0.48 1.45 12.66
C CYS A 155 -0.72 1.27 11.73
N LEU A 156 -0.96 2.24 10.83
CA LEU A 156 -2.09 2.12 9.93
C LEU A 156 -1.94 0.91 9.01
N LYS A 157 -0.70 0.61 8.60
CA LYS A 157 -0.46 -0.57 7.76
C LYS A 157 -0.93 -1.84 8.47
N PHE A 158 -0.59 -1.98 9.75
CA PHE A 158 -1.00 -3.16 10.49
C PHE A 158 -2.50 -3.16 10.75
N LEU A 159 -3.10 -1.99 10.93
CA LEU A 159 -4.56 -1.93 11.09
C LEU A 159 -5.26 -2.30 9.79
N VAL A 160 -4.66 -1.98 8.65
CA VAL A 160 -5.23 -2.37 7.37
C VAL A 160 -5.07 -3.87 7.15
N LEU A 161 -3.90 -4.41 7.43
CA LEU A 161 -3.65 -5.83 7.22
C LEU A 161 -4.53 -6.69 8.13
N PHE A 162 -4.55 -6.38 9.43
CA PHE A 162 -5.28 -7.19 10.40
C PHE A 162 -6.70 -6.62 10.58
N SER A 163 -7.47 -6.71 9.50
CA SER A 163 -8.80 -6.13 9.46
C SER A 163 -9.80 -7.03 10.18
N LEU A 164 -10.74 -6.40 10.88
CA LEU A 164 -11.77 -7.14 11.61
C LEU A 164 -12.91 -7.59 10.71
N ASP A 165 -12.90 -7.19 9.45
CA ASP A 165 -13.96 -7.54 8.52
C ASP A 165 -13.63 -8.77 7.69
N VAL A 166 -12.47 -9.38 7.88
CA VAL A 166 -12.13 -10.59 7.13
C VAL A 166 -12.80 -11.77 7.82
N LYS A 167 -13.59 -12.50 7.06
CA LYS A 167 -14.32 -13.64 7.62
C LYS A 167 -13.67 -14.95 7.18
N ASN A 168 -14.05 -16.02 7.87
CA ASN A 168 -13.62 -17.37 7.53
C ASN A 168 -12.16 -17.61 7.92
N LEU A 169 -11.65 -16.88 8.89
CA LEU A 169 -10.32 -17.09 9.42
C LEU A 169 -10.34 -18.19 10.48
N GLU A 170 -9.30 -19.02 10.50
CA GLU A 170 -9.13 -19.96 11.60
C GLU A 170 -8.84 -19.23 12.90
N ASN A 171 -7.84 -18.36 12.88
CA ASN A 171 -7.40 -17.62 14.07
C ASN A 171 -7.84 -16.17 14.00
N PHE A 172 -9.16 -15.97 14.06
CA PHE A 172 -9.70 -14.61 14.13
C PHE A 172 -9.32 -13.94 15.44
N GLN A 173 -9.08 -14.73 16.50
CA GLN A 173 -8.71 -14.16 17.78
C GLN A 173 -7.38 -13.42 17.69
N LEU A 174 -6.39 -14.03 17.04
CA LEU A 174 -5.12 -13.34 16.83
C LEU A 174 -5.34 -12.03 16.08
N VAL A 175 -6.19 -12.03 15.06
CA VAL A 175 -6.40 -10.80 14.31
C VAL A 175 -7.07 -9.75 15.20
N GLU A 176 -8.06 -10.15 16.00
CA GLU A 176 -8.68 -9.22 16.94
C GLU A 176 -7.64 -8.65 17.91
N GLY A 177 -6.78 -9.50 18.46
CA GLY A 177 -5.82 -9.04 19.45
C GLY A 177 -4.81 -8.07 18.88
N VAL A 178 -4.38 -8.28 17.64
CA VAL A 178 -3.45 -7.37 16.99
C VAL A 178 -4.11 -6.01 16.76
N GLN A 179 -5.35 -6.00 16.28
CA GLN A 179 -6.03 -4.75 16.01
C GLN A 179 -6.16 -3.91 17.28
N GLU A 180 -6.54 -4.54 18.40
CA GLU A 180 -6.67 -3.81 19.65
C GLU A 180 -5.32 -3.31 20.16
N GLN A 181 -4.25 -4.11 19.96
CA GLN A 181 -2.95 -3.71 20.47
C GLN A 181 -2.38 -2.53 19.67
N VAL A 182 -2.47 -2.60 18.34
CA VAL A 182 -1.95 -1.52 17.52
C VAL A 182 -2.78 -0.25 17.70
N ASN A 183 -4.10 -0.38 17.79
CA ASN A 183 -4.96 0.76 18.08
C ASN A 183 -4.52 1.46 19.36
N ALA A 184 -4.37 0.70 20.45
CA ALA A 184 -3.95 1.30 21.72
C ALA A 184 -2.57 1.91 21.62
N ALA A 185 -1.64 1.24 20.93
CA ALA A 185 -0.31 1.82 20.77
C ALA A 185 -0.35 3.11 19.97
N LEU A 186 -1.11 3.12 18.88
CA LEU A 186 -1.19 4.31 18.03
C LEU A 186 -1.82 5.48 18.79
N LEU A 187 -2.91 5.21 19.51
CA LEU A 187 -3.52 6.25 20.33
C LEU A 187 -2.52 6.83 21.32
N ASP A 188 -1.83 5.95 22.06
CA ASP A 188 -0.86 6.39 23.05
C ASP A 188 0.27 7.20 22.40
N TYR A 189 0.73 6.76 21.23
CA TYR A 189 1.82 7.46 20.55
C TYR A 189 1.38 8.81 20.03
N THR A 190 0.22 8.87 19.38
CA THR A 190 -0.25 10.12 18.77
C THR A 190 -0.62 11.16 19.82
N MET A 191 -1.36 10.75 20.85
CA MET A 191 -1.70 11.66 21.93
C MET A 191 -0.47 12.16 22.67
N CYS A 192 0.58 11.35 22.72
CA CYS A 192 1.75 11.72 23.49
C CYS A 192 2.72 12.60 22.70
N ASN A 193 2.87 12.33 21.40
CA ASN A 193 3.84 13.05 20.61
C ASN A 193 3.26 14.27 19.89
N TYR A 194 1.94 14.38 19.77
CA TYR A 194 1.30 15.50 19.08
C TYR A 194 0.18 16.07 19.94
N PRO A 195 0.51 16.62 21.10
CA PRO A 195 -0.54 17.19 21.96
C PRO A 195 -1.18 18.44 21.39
N GLN A 196 -0.50 19.13 20.47
CA GLN A 196 -1.11 20.30 19.84
C GLN A 196 -2.24 19.89 18.90
N GLN A 197 -2.05 18.79 18.16
CA GLN A 197 -3.05 18.28 17.23
C GLN A 197 -3.97 17.31 17.96
N THR A 198 -4.85 17.88 18.79
CA THR A 198 -5.83 17.05 19.48
C THR A 198 -6.88 16.55 18.49
N GLU A 199 -7.38 15.35 18.76
CA GLU A 199 -8.25 14.60 17.86
C GLU A 199 -7.51 14.13 16.61
N LYS A 200 -6.18 14.25 16.58
CA LYS A 200 -5.41 13.72 15.47
C LYS A 200 -5.67 12.23 15.28
N PHE A 201 -5.59 11.46 16.36
CA PHE A 201 -5.85 10.02 16.28
C PHE A 201 -7.20 9.73 15.63
N GLY A 202 -8.24 10.43 16.07
CA GLY A 202 -9.54 10.24 15.48
C GLY A 202 -9.57 10.59 14.01
N GLN A 203 -8.82 11.64 13.62
CA GLN A 203 -8.76 12.03 12.21
C GLN A 203 -7.96 11.05 11.38
N LEU A 204 -6.95 10.41 11.98
CA LEU A 204 -6.22 9.36 11.28
C LEU A 204 -7.14 8.20 10.94
N LEU A 205 -7.91 7.71 11.93
CA LEU A 205 -8.78 6.57 11.69
C LEU A 205 -9.89 6.92 10.69
N LEU A 206 -10.35 8.17 10.69
CA LEU A 206 -11.39 8.59 9.75
C LEU A 206 -10.92 8.49 8.30
N ARG A 207 -9.61 8.44 8.06
CA ARG A 207 -9.10 8.39 6.70
C ARG A 207 -9.04 6.98 6.14
N LEU A 208 -8.96 5.96 7.00
CA LEU A 208 -8.92 4.59 6.51
C LEU A 208 -10.11 4.26 5.63
N PRO A 209 -11.36 4.60 6.00
CA PRO A 209 -12.48 4.31 5.10
C PRO A 209 -12.38 5.01 3.75
N GLU A 210 -11.78 6.21 3.71
CA GLU A 210 -11.59 6.89 2.44
C GLU A 210 -10.53 6.19 1.60
N ILE A 211 -9.41 5.82 2.22
CA ILE A 211 -8.38 5.09 1.50
C ILE A 211 -8.92 3.76 1.00
N ARG A 212 -9.75 3.09 1.82
CA ARG A 212 -10.30 1.81 1.38
C ARG A 212 -11.25 2.02 0.20
N ALA A 213 -12.08 3.06 0.24
CA ALA A 213 -12.98 3.31 -0.88
C ALA A 213 -12.20 3.54 -2.17
N ILE A 214 -11.15 4.34 -2.11
CA ILE A 214 -10.31 4.59 -3.29
C ILE A 214 -9.74 3.27 -3.82
N SER A 215 -9.22 2.44 -2.92
CA SER A 215 -8.56 1.22 -3.37
C SER A 215 -9.55 0.21 -3.93
N MET A 216 -10.79 0.22 -3.43
CA MET A 216 -11.82 -0.66 -3.98
C MET A 216 -12.15 -0.26 -5.41
N GLN A 217 -12.31 1.04 -5.66
CA GLN A 217 -12.59 1.46 -7.03
C GLN A 217 -11.41 1.17 -7.94
N ALA A 218 -10.19 1.44 -7.47
CA ALA A 218 -9.00 1.16 -8.27
C ALA A 218 -8.91 -0.32 -8.62
N GLU A 219 -9.18 -1.20 -7.65
CA GLU A 219 -9.12 -2.63 -7.91
C GLU A 219 -10.17 -3.06 -8.91
N GLU A 220 -11.40 -2.54 -8.78
CA GLU A 220 -12.42 -2.92 -9.74
C GLU A 220 -12.07 -2.43 -11.14
N TYR A 221 -11.50 -1.21 -11.25
CA TYR A 221 -11.10 -0.70 -12.56
C TYR A 221 -10.04 -1.60 -13.20
N LEU A 222 -8.99 -1.92 -12.46
CA LEU A 222 -7.96 -2.81 -12.99
C LEU A 222 -8.55 -4.16 -13.37
N TYR A 223 -9.43 -4.70 -12.51
CA TYR A 223 -10.00 -6.01 -12.82
C TYR A 223 -10.71 -5.99 -14.17
N TYR A 224 -11.49 -4.95 -14.43
CA TYR A 224 -12.22 -4.89 -15.71
C TYR A 224 -11.33 -4.46 -16.86
N LYS A 225 -10.33 -3.61 -16.60
CA LYS A 225 -9.34 -3.31 -17.63
C LYS A 225 -8.61 -4.58 -18.06
N HIS A 226 -8.32 -5.46 -17.10
CA HIS A 226 -7.67 -6.73 -17.44
C HIS A 226 -8.59 -7.61 -18.27
N LEU A 227 -9.88 -7.64 -17.93
CA LEU A 227 -10.82 -8.43 -18.71
C LEU A 227 -10.94 -7.93 -20.14
N ASN A 228 -10.84 -6.60 -20.35
CA ASN A 228 -10.85 -6.04 -21.71
C ASN A 228 -9.48 -6.16 -22.39
N GLY A 229 -8.48 -6.73 -21.73
CA GLY A 229 -7.18 -6.91 -22.32
C GLY A 229 -6.28 -5.69 -22.29
N ASP A 230 -6.66 -4.64 -21.56
CA ASP A 230 -5.84 -3.44 -21.48
C ASP A 230 -4.71 -3.56 -20.47
N VAL A 231 -4.67 -4.63 -19.68
CA VAL A 231 -3.68 -4.80 -18.62
C VAL A 231 -2.60 -5.75 -19.14
N PRO A 232 -1.36 -5.29 -19.33
CA PRO A 232 -0.28 -6.23 -19.70
C PRO A 232 -0.06 -7.25 -18.61
N TYR A 233 0.53 -8.39 -18.99
CA TYR A 233 0.69 -9.49 -18.06
C TYR A 233 1.58 -9.10 -16.88
N ASN A 234 1.00 -9.15 -15.68
CA ASN A 234 1.74 -8.94 -14.43
C ASN A 234 1.29 -10.03 -13.47
N ASN A 235 2.09 -11.09 -13.35
CA ASN A 235 1.65 -12.32 -12.69
C ASN A 235 0.96 -12.04 -11.35
N LEU A 236 1.68 -11.43 -10.40
CA LEU A 236 1.14 -11.27 -9.06
C LEU A 236 -0.08 -10.35 -9.06
N LEU A 237 0.04 -9.18 -9.68
CA LEU A 237 -1.09 -8.26 -9.77
C LEU A 237 -2.29 -8.94 -10.43
N ILE A 238 -2.08 -9.56 -11.60
CA ILE A 238 -3.17 -10.26 -12.28
C ILE A 238 -3.79 -11.30 -11.35
N GLU A 239 -2.93 -12.03 -10.64
CA GLU A 239 -3.43 -13.11 -9.80
C GLU A 239 -4.23 -12.58 -8.61
N MET A 240 -3.81 -11.46 -8.02
CA MET A 240 -4.59 -10.84 -6.96
C MET A 240 -5.95 -10.39 -7.46
N LEU A 241 -6.00 -9.88 -8.69
CA LEU A 241 -7.28 -9.49 -9.27
C LEU A 241 -8.16 -10.69 -9.57
N HIS A 242 -7.57 -11.77 -10.09
CA HIS A 242 -8.31 -12.98 -10.46
C HIS A 242 -8.47 -13.89 -9.25
N ALA A 243 -9.17 -13.38 -8.25
CA ALA A 243 -9.42 -14.13 -7.03
C ALA A 243 -10.71 -13.65 -6.36
N ASN B 3 -5.45 -19.33 -6.20
CA ASN B 3 -4.40 -18.34 -5.97
C ASN B 3 -3.05 -19.03 -5.71
N ALA B 4 -2.40 -19.48 -6.79
CA ALA B 4 -1.22 -20.35 -6.66
C ALA B 4 0.05 -19.56 -6.35
N LEU B 5 0.27 -18.43 -7.02
CA LEU B 5 1.53 -17.71 -6.85
C LEU B 5 1.64 -17.11 -5.45
N LEU B 6 0.54 -16.56 -4.91
CA LEU B 6 0.58 -16.03 -3.56
C LEU B 6 0.87 -17.13 -2.55
N ARG B 7 0.30 -18.32 -2.76
CA ARG B 7 0.58 -19.43 -1.87
C ARG B 7 2.06 -19.81 -1.92
N TYR B 8 2.67 -19.78 -3.10
CA TYR B 8 4.09 -20.08 -3.22
C TYR B 8 4.94 -19.01 -2.54
N LEU B 9 4.56 -17.75 -2.68
CA LEU B 9 5.32 -16.67 -2.05
C LEU B 9 5.32 -16.82 -0.53
N LEU B 10 4.20 -17.23 0.04
CA LEU B 10 4.11 -17.34 1.49
C LEU B 10 4.72 -18.63 2.02
N ASP B 11 4.96 -19.61 1.15
CA ASP B 11 5.64 -20.85 1.54
C ASP B 11 7.14 -20.81 1.31
N LYS B 12 7.58 -20.09 0.28
CA LYS B 12 9.00 -20.02 -0.06
C LYS B 12 9.83 -19.47 1.10
#